data_4MA0
#
_entry.id   4MA0
#
_cell.length_a   84.861
_cell.length_b   84.861
_cell.length_c   104.259
_cell.angle_alpha   90.00
_cell.angle_beta   90.00
_cell.angle_gamma   90.00
#
_symmetry.space_group_name_H-M   'P 43 21 2'
#
loop_
_entity.id
_entity.type
_entity.pdbx_description
1 polymer 'Phosphoribosylaminoimidazole carboxylase, ATPase subunit'
2 non-polymer 'ADENOSINE MONOPHOSPHATE'
3 non-polymer 'PHOSPHATE ION'
4 non-polymer GLYCEROL
5 non-polymer DI(HYDROXYETHYL)ETHER
6 water water
#
_entity_poly.entity_id   1
_entity_poly.type   'polypeptide(L)'
_entity_poly.pdbx_seq_one_letter_code
;(MSE)KIGIIGAGQLAR(MSE)LSLAGTPLGLEFHCLGKNGDCAEEVVKTVTDIELTKVNDVVAWAKQFDVITFENENIS
HELIKAINHEVSVYPSAKAIAISQDRLLEKSF(MSE)QDHGIATAKFVNIDSLAKLQSAVDDHGLPAILKTRRFGYDGKG
QFVIRSQEDITKAWDVLKDAPDGLIYEAFVDFDYEVSQICTADLKGNIAFYPLARNTHKQGIIVESEAPFENVVLAEKAQ
QIAKILVKEFAYVGTLAIEFFVKGDELIVNEIAPRVHNSGHWSIDGAVTSQFENHVRAIAGLILGDTTSRKTV(MSE)LN
CIGG(MSE)PATKDLAALDRVKIHSYNKEPRKGRKVGHLNLNLNDETDEYQLLQVKKLIALSEEIAGENLYFQ
;
_entity_poly.pdbx_strand_id   A
#
loop_
_chem_comp.id
_chem_comp.type
_chem_comp.name
_chem_comp.formula
AMP non-polymer 'ADENOSINE MONOPHOSPHATE' 'C10 H14 N5 O7 P'
GOL non-polymer GLYCEROL 'C3 H8 O3'
PEG non-polymer DI(HYDROXYETHYL)ETHER 'C4 H10 O3'
PO4 non-polymer 'PHOSPHATE ION' 'O4 P -3'
#
# COMPACT_ATOMS: atom_id res chain seq x y z
N MSE A 1 8.42 -21.33 -13.50
CA MSE A 1 8.39 -19.93 -13.88
C MSE A 1 9.21 -19.07 -12.92
O MSE A 1 9.30 -19.35 -11.74
CB MSE A 1 6.94 -19.44 -13.91
CG MSE A 1 6.78 -17.98 -14.21
SE MSE A 1 4.93 -17.64 -14.69
CE MSE A 1 4.76 -18.88 -16.16
N LYS A 2 9.83 -18.03 -13.47
CA LYS A 2 10.67 -17.15 -12.66
C LYS A 2 10.08 -15.75 -12.60
N ILE A 3 9.94 -15.24 -11.39
CA ILE A 3 9.38 -13.93 -11.17
C ILE A 3 10.47 -13.01 -10.62
N GLY A 4 10.66 -11.90 -11.31
CA GLY A 4 11.60 -10.90 -10.84
C GLY A 4 10.81 -9.87 -10.08
N ILE A 5 11.34 -9.43 -8.95
CA ILE A 5 10.70 -8.38 -8.18
C ILE A 5 11.65 -7.21 -8.03
N ILE A 6 11.22 -6.03 -8.42
CA ILE A 6 11.99 -4.83 -8.11
C ILE A 6 11.71 -4.44 -6.67
N GLY A 7 12.75 -4.51 -5.85
CA GLY A 7 12.58 -4.33 -4.42
C GLY A 7 12.85 -5.64 -3.68
N ALA A 8 13.51 -5.54 -2.54
CA ALA A 8 13.78 -6.72 -1.72
C ALA A 8 13.32 -6.52 -0.27
N GLY A 9 12.33 -5.64 -0.10
CA GLY A 9 11.76 -5.34 1.21
C GLY A 9 10.72 -6.35 1.68
N GLN A 10 9.90 -5.97 2.65
CA GLN A 10 9.03 -6.95 3.28
C GLN A 10 7.90 -7.40 2.38
N LEU A 11 7.46 -6.55 1.45
CA LEU A 11 6.38 -6.98 0.57
C LEU A 11 6.89 -8.07 -0.38
N ALA A 12 8.11 -7.91 -0.89
CA ALA A 12 8.69 -8.91 -1.76
C ALA A 12 8.93 -10.19 -0.97
N ARG A 13 9.31 -10.02 0.28
CA ARG A 13 9.55 -11.17 1.18
C ARG A 13 8.26 -11.99 1.28
N MSE A 14 7.15 -11.29 1.46
CA MSE A 14 5.87 -11.96 1.65
C MSE A 14 5.29 -12.49 0.35
O MSE A 14 4.58 -13.50 0.34
CB MSE A 14 4.90 -11.06 2.42
CG MSE A 14 5.27 -10.99 3.87
SE MSE A 14 4.05 -9.95 4.96
CE MSE A 14 4.65 -8.14 4.47
N LEU A 15 5.61 -11.82 -0.75
CA LEU A 15 5.26 -12.33 -2.07
C LEU A 15 5.91 -13.68 -2.32
N SER A 16 7.20 -13.79 -2.00
CA SER A 16 7.94 -15.04 -2.17
C SER A 16 7.44 -16.13 -1.22
N LEU A 17 7.21 -15.76 0.04
CA LEU A 17 6.65 -16.68 1.02
C LEU A 17 5.33 -17.27 0.50
N ALA A 18 4.52 -16.44 -0.16
CA ALA A 18 3.20 -16.88 -0.64
C ALA A 18 3.27 -17.70 -1.92
N GLY A 19 4.20 -17.35 -2.79
CA GLY A 19 4.22 -17.86 -4.16
C GLY A 19 5.13 -19.06 -4.35
N THR A 20 6.12 -19.18 -3.46
CA THR A 20 7.04 -20.31 -3.51
C THR A 20 6.36 -21.69 -3.43
N PRO A 21 5.39 -21.90 -2.52
CA PRO A 21 4.71 -23.20 -2.57
C PRO A 21 3.95 -23.44 -3.86
N LEU A 22 3.74 -22.40 -4.67
CA LEU A 22 3.11 -22.57 -5.98
C LEU A 22 4.10 -23.11 -7.00
N GLY A 23 5.37 -23.20 -6.61
CA GLY A 23 6.40 -23.77 -7.46
C GLY A 23 7.08 -22.70 -8.28
N LEU A 24 6.86 -21.44 -7.93
CA LEU A 24 7.50 -20.33 -8.63
C LEU A 24 8.82 -19.97 -7.97
N GLU A 25 9.72 -19.42 -8.78
CA GLU A 25 11.07 -19.06 -8.32
C GLU A 25 11.24 -17.54 -8.29
N PHE A 26 11.79 -17.01 -7.21
CA PHE A 26 11.80 -15.56 -7.02
C PHE A 26 13.18 -14.94 -6.99
N HIS A 27 13.31 -13.81 -7.69
CA HIS A 27 14.57 -13.07 -7.77
C HIS A 27 14.29 -11.60 -7.55
N CYS A 28 15.10 -10.97 -6.71
CA CYS A 28 14.86 -9.58 -6.36
C CYS A 28 15.98 -8.70 -6.89
N LEU A 29 15.62 -7.46 -7.19
CA LEU A 29 16.58 -6.39 -7.44
C LEU A 29 16.55 -5.52 -6.19
N GLY A 30 17.65 -5.49 -5.46
CA GLY A 30 17.68 -4.78 -4.20
C GLY A 30 19.02 -4.93 -3.55
N LYS A 31 19.16 -4.42 -2.33
CA LYS A 31 20.41 -4.50 -1.61
C LYS A 31 20.54 -5.83 -0.91
N ASN A 32 21.74 -6.40 -0.92
CA ASN A 32 21.97 -7.62 -0.18
C ASN A 32 21.88 -7.33 1.31
N GLY A 33 21.24 -8.24 2.05
CA GLY A 33 20.94 -7.99 3.45
C GLY A 33 19.54 -7.44 3.65
N ASP A 34 18.85 -7.16 2.56
CA ASP A 34 17.46 -6.71 2.67
C ASP A 34 16.62 -7.91 3.07
N CYS A 35 15.43 -7.65 3.62
CA CYS A 35 14.75 -8.70 4.35
C CYS A 35 14.13 -9.79 3.47
N ALA A 36 14.02 -9.54 2.17
CA ALA A 36 13.51 -10.60 1.29
C ALA A 36 14.58 -11.63 0.93
N GLU A 37 15.84 -11.30 1.17
CA GLU A 37 16.95 -12.14 0.69
C GLU A 37 16.89 -13.60 1.10
N GLU A 38 16.56 -13.89 2.36
CA GLU A 38 16.63 -15.27 2.86
C GLU A 38 15.50 -16.16 2.34
N VAL A 39 14.51 -15.54 1.70
CA VAL A 39 13.40 -16.33 1.16
C VAL A 39 13.29 -16.24 -0.37
N VAL A 40 14.32 -15.71 -1.03
CA VAL A 40 14.34 -15.71 -2.49
C VAL A 40 15.62 -16.36 -3.01
N LYS A 41 15.59 -16.71 -4.29
CA LYS A 41 16.69 -17.44 -4.88
C LYS A 41 17.92 -16.54 -5.04
N THR A 42 17.72 -15.38 -5.63
CA THR A 42 18.80 -14.38 -5.75
C THR A 42 18.33 -12.96 -5.46
N VAL A 43 19.25 -12.15 -4.96
CA VAL A 43 19.09 -10.71 -4.87
C VAL A 43 20.26 -10.06 -5.61
N THR A 44 19.94 -9.18 -6.56
CA THR A 44 20.96 -8.50 -7.36
C THR A 44 20.84 -7.00 -7.14
N ASP A 45 21.95 -6.37 -6.78
CA ASP A 45 21.91 -4.95 -6.44
C ASP A 45 22.35 -4.09 -7.64
N ILE A 46 21.38 -3.66 -8.44
CA ILE A 46 21.65 -2.80 -9.59
C ILE A 46 21.07 -1.41 -9.30
N GLU A 47 21.85 -0.37 -9.53
CA GLU A 47 21.35 0.99 -9.40
C GLU A 47 20.22 1.21 -10.41
N LEU A 48 19.08 1.70 -9.95
CA LEU A 48 17.89 1.75 -10.80
C LEU A 48 17.97 2.76 -11.94
N THR A 49 18.90 3.71 -11.85
CA THR A 49 19.08 4.69 -12.92
C THR A 49 19.81 4.08 -14.11
N LYS A 50 20.59 3.02 -13.85
CA LYS A 50 21.28 2.29 -14.91
C LYS A 50 20.27 1.43 -15.68
N VAL A 51 19.51 2.06 -16.57
CA VAL A 51 18.34 1.43 -17.17
C VAL A 51 18.64 0.15 -17.93
N ASN A 52 19.66 0.19 -18.77
CA ASN A 52 20.01 -0.95 -19.60
C ASN A 52 20.37 -2.19 -18.78
N ASP A 53 21.06 -1.96 -17.67
CA ASP A 53 21.43 -3.05 -16.77
C ASP A 53 20.21 -3.66 -16.09
N VAL A 54 19.27 -2.80 -15.69
CA VAL A 54 18.06 -3.27 -15.05
C VAL A 54 17.25 -4.15 -16.03
N VAL A 55 17.16 -3.70 -17.28
CA VAL A 55 16.47 -4.43 -18.31
C VAL A 55 17.15 -5.78 -18.57
N ALA A 56 18.48 -5.75 -18.61
CA ALA A 56 19.28 -6.97 -18.82
C ALA A 56 19.00 -7.98 -17.73
N TRP A 57 18.90 -7.49 -16.50
CA TRP A 57 18.54 -8.33 -15.36
C TRP A 57 17.13 -8.88 -15.54
N ALA A 58 16.20 -7.99 -15.88
CA ALA A 58 14.81 -8.37 -16.02
C ALA A 58 14.60 -9.52 -17.01
N LYS A 59 15.36 -9.51 -18.10
CA LYS A 59 15.12 -10.47 -19.18
C LYS A 59 15.47 -11.91 -18.81
N GLN A 60 16.14 -12.08 -17.66
CA GLN A 60 16.44 -13.42 -17.16
C GLN A 60 15.19 -14.14 -16.70
N PHE A 61 14.10 -13.39 -16.50
CA PHE A 61 12.92 -13.93 -15.83
C PHE A 61 11.68 -13.93 -16.70
N ASP A 62 10.60 -14.54 -16.22
CA ASP A 62 9.42 -14.75 -17.04
C ASP A 62 8.40 -13.63 -16.91
N VAL A 63 8.34 -13.02 -15.74
CA VAL A 63 7.47 -11.89 -15.51
C VAL A 63 8.10 -11.03 -14.44
N ILE A 64 7.84 -9.73 -14.48
CA ILE A 64 8.39 -8.79 -13.52
C ILE A 64 7.26 -8.09 -12.77
N THR A 65 7.43 -7.91 -11.47
CA THR A 65 6.54 -7.00 -10.73
C THR A 65 7.41 -6.13 -9.83
N PHE A 66 6.80 -5.34 -8.97
CA PHE A 66 7.56 -4.40 -8.18
C PHE A 66 6.83 -4.19 -6.85
N GLU A 67 7.56 -3.81 -5.82
CA GLU A 67 6.94 -3.58 -4.52
C GLU A 67 6.79 -2.10 -4.19
N ASN A 68 7.44 -1.23 -4.95
CA ASN A 68 7.32 0.18 -4.69
C ASN A 68 6.94 1.05 -5.91
N GLU A 69 5.77 1.67 -5.86
CA GLU A 69 5.30 2.47 -6.99
C GLU A 69 6.05 3.80 -7.18
N ASN A 70 6.93 4.15 -6.23
CA ASN A 70 7.73 5.36 -6.41
C ASN A 70 8.79 5.25 -7.50
N ILE A 71 8.94 4.07 -8.08
CA ILE A 71 9.98 3.88 -9.08
C ILE A 71 9.61 4.52 -10.41
N SER A 72 10.60 4.62 -11.28
CA SER A 72 10.47 5.32 -12.55
C SER A 72 9.55 4.58 -13.49
N HIS A 73 8.52 5.25 -13.97
CA HIS A 73 7.55 4.56 -14.81
C HIS A 73 8.09 4.39 -16.23
N GLU A 74 9.06 5.22 -16.60
CA GLU A 74 9.74 5.05 -17.87
C GLU A 74 10.66 3.82 -17.83
N LEU A 75 11.28 3.59 -16.69
CA LEU A 75 12.04 2.36 -16.45
C LEU A 75 11.17 1.13 -16.67
N ILE A 76 9.99 1.15 -16.05
CA ILE A 76 9.03 0.07 -16.22
C ILE A 76 8.64 -0.14 -17.68
N LYS A 77 8.39 0.95 -18.39
CA LYS A 77 7.96 0.88 -19.78
C LYS A 77 9.05 0.24 -20.64
N ALA A 78 10.30 0.64 -20.39
CA ALA A 78 11.47 0.04 -21.01
C ALA A 78 11.53 -1.46 -20.73
N ILE A 79 11.45 -1.84 -19.44
CA ILE A 79 11.49 -3.26 -19.09
C ILE A 79 10.37 -4.00 -19.82
N ASN A 80 9.16 -3.43 -19.77
CA ASN A 80 7.97 -4.10 -20.29
C ASN A 80 8.01 -4.34 -21.80
N HIS A 81 8.78 -3.53 -22.51
CA HIS A 81 8.99 -3.72 -23.94
C HIS A 81 9.62 -5.09 -24.20
N GLU A 82 10.41 -5.55 -23.24
CA GLU A 82 11.23 -6.76 -23.40
C GLU A 82 10.67 -7.98 -22.63
N VAL A 83 10.06 -7.73 -21.49
CA VAL A 83 9.52 -8.82 -20.67
C VAL A 83 8.38 -8.27 -19.83
N SER A 84 7.27 -9.01 -19.80
CA SER A 84 6.01 -8.53 -19.23
C SER A 84 6.19 -8.01 -17.80
N VAL A 85 5.70 -6.80 -17.55
CA VAL A 85 5.69 -6.25 -16.19
C VAL A 85 4.26 -6.02 -15.77
N TYR A 86 3.91 -6.49 -14.58
CA TYR A 86 2.60 -6.22 -14.02
C TYR A 86 2.77 -5.66 -12.61
N PRO A 87 1.96 -4.64 -12.25
CA PRO A 87 0.99 -3.96 -13.10
C PRO A 87 1.59 -2.92 -14.07
N SER A 88 0.73 -2.14 -14.71
CA SER A 88 1.13 -1.33 -15.85
C SER A 88 1.92 -0.06 -15.52
N ALA A 89 2.69 0.40 -16.51
CA ALA A 89 3.36 1.68 -16.41
C ALA A 89 2.33 2.79 -16.13
N LYS A 90 1.14 2.66 -16.74
CA LYS A 90 0.05 3.60 -16.48
C LYS A 90 -0.40 3.60 -15.02
N ALA A 91 -0.56 2.43 -14.43
CA ALA A 91 -0.95 2.34 -13.03
C ALA A 91 0.10 3.01 -12.16
N ILE A 92 1.37 2.80 -12.50
CA ILE A 92 2.44 3.41 -11.73
C ILE A 92 2.43 4.92 -11.85
N ALA A 93 2.42 5.41 -13.09
CA ALA A 93 2.44 6.83 -13.39
C ALA A 93 1.33 7.61 -12.65
N ILE A 94 0.13 7.06 -12.66
CA ILE A 94 -1.02 7.71 -12.06
C ILE A 94 -0.99 7.62 -10.53
N SER A 95 -0.71 6.42 -10.02
CA SER A 95 -0.76 6.20 -8.58
C SER A 95 0.39 6.86 -7.80
N GLN A 96 1.49 7.15 -8.47
CA GLN A 96 2.69 7.61 -7.77
C GLN A 96 2.72 9.11 -7.57
N ASP A 97 1.83 9.82 -8.26
CA ASP A 97 1.79 11.29 -8.24
C ASP A 97 0.42 11.69 -7.71
N ARG A 98 0.39 12.35 -6.55
CA ARG A 98 -0.90 12.72 -5.95
C ARG A 98 -1.77 13.56 -6.89
N LEU A 99 -1.15 14.44 -7.66
CA LEU A 99 -1.90 15.27 -8.60
C LEU A 99 -2.52 14.42 -9.72
N LEU A 100 -1.73 13.52 -10.32
CA LEU A 100 -2.25 12.69 -11.40
C LEU A 100 -3.34 11.76 -10.88
N GLU A 101 -3.09 11.25 -9.68
CA GLU A 101 -4.00 10.33 -9.01
C GLU A 101 -5.36 10.95 -8.74
N LYS A 102 -5.36 12.11 -8.09
CA LYS A 102 -6.62 12.79 -7.83
C LYS A 102 -7.28 13.27 -9.11
N SER A 103 -6.48 13.71 -10.09
CA SER A 103 -7.06 14.18 -11.34
C SER A 103 -7.75 13.04 -12.09
N PHE A 104 -7.12 11.87 -12.03
CA PHE A 104 -7.71 10.68 -12.61
C PHE A 104 -9.07 10.39 -11.98
N MSE A 105 -9.14 10.42 -10.65
CA MSE A 105 -10.40 10.16 -9.96
C MSE A 105 -11.48 11.18 -10.40
O MSE A 105 -12.62 10.82 -10.69
CB MSE A 105 -10.24 10.22 -8.43
CG MSE A 105 -9.20 9.25 -7.85
SE MSE A 105 -9.56 7.40 -8.32
CE MSE A 105 -7.70 6.82 -8.58
N GLN A 106 -11.09 12.44 -10.46
CA GLN A 106 -12.01 13.50 -10.83
C GLN A 106 -12.53 13.27 -12.25
N ASP A 107 -11.61 12.90 -13.14
CA ASP A 107 -11.94 12.64 -14.54
C ASP A 107 -13.00 11.55 -14.70
N HIS A 108 -13.10 10.66 -13.71
CA HIS A 108 -14.03 9.53 -13.78
C HIS A 108 -15.15 9.64 -12.76
N GLY A 109 -15.44 10.85 -12.33
CA GLY A 109 -16.54 11.10 -11.41
C GLY A 109 -16.39 10.39 -10.07
N ILE A 110 -15.15 10.19 -9.64
CA ILE A 110 -14.89 9.56 -8.35
C ILE A 110 -14.43 10.59 -7.33
N ALA A 111 -15.12 10.64 -6.19
CA ALA A 111 -14.85 11.64 -5.16
C ALA A 111 -13.43 11.52 -4.59
N THR A 112 -12.81 12.67 -4.35
CA THR A 112 -11.60 12.79 -3.56
C THR A 112 -11.74 14.03 -2.71
N ALA A 113 -10.72 14.29 -1.91
CA ALA A 113 -10.55 15.58 -1.29
C ALA A 113 -10.49 16.64 -2.38
N LYS A 114 -10.98 17.83 -2.11
CA LYS A 114 -10.76 18.97 -3.01
C LYS A 114 -9.24 19.20 -3.07
N PHE A 115 -8.71 19.42 -4.27
CA PHE A 115 -7.25 19.53 -4.45
C PHE A 115 -6.87 20.58 -5.47
N VAL A 116 -5.66 21.13 -5.33
CA VAL A 116 -5.16 22.15 -6.26
C VAL A 116 -3.67 21.92 -6.42
N ASN A 117 -3.17 21.87 -7.66
CA ASN A 117 -1.74 21.85 -7.93
C ASN A 117 -1.08 23.17 -7.48
N ILE A 118 -0.04 23.06 -6.64
CA ILE A 118 0.62 24.24 -6.11
C ILE A 118 2.03 24.50 -6.67
N ASP A 119 2.16 25.57 -7.46
CA ASP A 119 3.44 25.88 -8.09
C ASP A 119 3.96 27.25 -7.70
N SER A 120 3.27 27.90 -6.77
CA SER A 120 3.72 29.18 -6.24
C SER A 120 3.01 29.41 -4.93
N LEU A 121 3.52 30.34 -4.14
CA LEU A 121 2.87 30.76 -2.91
C LEU A 121 1.47 31.36 -3.14
N ALA A 122 1.32 32.11 -4.23
CA ALA A 122 0.02 32.74 -4.52
C ALA A 122 -1.03 31.69 -4.83
N LYS A 123 -0.62 30.70 -5.60
CA LYS A 123 -1.46 29.55 -5.90
C LYS A 123 -1.96 28.94 -4.61
N LEU A 124 -1.07 28.78 -3.63
CA LEU A 124 -1.43 28.25 -2.32
C LEU A 124 -2.44 29.12 -1.59
N GLN A 125 -2.15 30.42 -1.50
CA GLN A 125 -3.07 31.35 -0.87
C GLN A 125 -4.44 31.32 -1.57
N SER A 126 -4.42 31.20 -2.88
CA SER A 126 -5.67 31.11 -3.66
C SER A 126 -6.44 29.85 -3.31
N ALA A 127 -5.73 28.75 -3.10
CA ALA A 127 -6.38 27.47 -2.79
C ALA A 127 -6.98 27.52 -1.40
N VAL A 128 -6.32 28.24 -0.49
CA VAL A 128 -6.83 28.37 0.87
C VAL A 128 -8.09 29.23 0.87
N ASP A 129 -8.07 30.35 0.13
CA ASP A 129 -9.22 31.22 0.00
C ASP A 129 -10.44 30.49 -0.57
N ASP A 130 -10.20 29.71 -1.63
CA ASP A 130 -11.23 28.91 -2.30
C ASP A 130 -11.82 27.78 -1.47
N HIS A 131 -10.95 26.93 -0.91
CA HIS A 131 -11.35 25.64 -0.38
C HIS A 131 -11.20 25.50 1.12
N GLY A 132 -10.63 26.51 1.76
CA GLY A 132 -10.69 26.63 3.20
C GLY A 132 -9.62 25.96 4.03
N LEU A 133 -9.81 26.04 5.35
CA LEU A 133 -8.89 25.52 6.33
C LEU A 133 -9.66 24.69 7.35
N PRO A 134 -9.02 23.65 7.92
CA PRO A 134 -7.61 23.30 7.76
C PRO A 134 -7.34 22.66 6.40
N ALA A 135 -6.06 22.49 6.09
CA ALA A 135 -5.69 21.85 4.84
C ALA A 135 -4.28 21.30 4.92
N ILE A 136 -3.86 20.57 3.90
CA ILE A 136 -2.52 20.01 3.88
C ILE A 136 -1.81 20.33 2.58
N LEU A 137 -0.57 20.79 2.69
CA LEU A 137 0.31 20.90 1.54
C LEU A 137 1.17 19.65 1.54
N LYS A 138 1.19 18.93 0.41
CA LYS A 138 1.90 17.66 0.29
C LYS A 138 2.79 17.65 -0.94
N THR A 139 3.89 16.92 -0.88
CA THR A 139 4.65 16.62 -2.09
C THR A 139 3.82 15.72 -2.99
N ARG A 140 3.90 15.92 -4.31
CA ARG A 140 3.15 15.09 -5.24
C ARG A 140 3.75 13.70 -5.33
N ARG A 141 5.04 13.61 -5.07
CA ARG A 141 5.74 12.35 -5.19
C ARG A 141 6.52 12.01 -3.92
N PHE A 142 6.78 10.72 -3.73
CA PHE A 142 7.67 10.21 -2.67
C PHE A 142 7.20 10.47 -1.25
N GLY A 143 5.96 10.94 -1.09
CA GLY A 143 5.36 10.99 0.22
C GLY A 143 5.08 9.57 0.70
N TYR A 144 5.37 9.30 1.97
CA TYR A 144 4.98 8.03 2.59
C TYR A 144 4.95 8.19 4.11
N ASP A 145 4.02 7.49 4.76
CA ASP A 145 3.81 7.56 6.20
C ASP A 145 3.55 8.98 6.69
N GLY A 146 2.94 9.78 5.82
CA GLY A 146 2.59 11.15 6.18
C GLY A 146 3.76 12.10 6.22
N LYS A 147 4.90 11.67 5.70
CA LYS A 147 6.08 12.54 5.63
C LYS A 147 6.03 13.35 4.36
N GLY A 148 6.78 14.44 4.32
CA GLY A 148 6.78 15.31 3.15
C GLY A 148 5.50 16.10 3.03
N GLN A 149 4.94 16.50 4.16
CA GLN A 149 3.77 17.37 4.11
C GLN A 149 3.74 18.34 5.28
N PHE A 150 2.85 19.33 5.20
CA PHE A 150 2.77 20.35 6.22
C PHE A 150 1.29 20.70 6.38
N VAL A 151 0.77 20.55 7.59
CA VAL A 151 -0.63 20.85 7.83
C VAL A 151 -0.84 22.36 8.01
N ILE A 152 -1.95 22.87 7.50
CA ILE A 152 -2.21 24.31 7.52
C ILE A 152 -3.54 24.64 8.19
N ARG A 153 -3.50 25.43 9.26
CA ARG A 153 -4.75 25.90 9.86
C ARG A 153 -4.82 27.42 9.96
N SER A 154 -3.68 28.08 10.12
CA SER A 154 -3.65 29.54 10.20
C SER A 154 -3.09 30.15 8.92
N GLN A 155 -3.39 31.44 8.71
CA GLN A 155 -2.85 32.18 7.57
C GLN A 155 -1.33 32.17 7.59
N GLU A 156 -0.77 32.27 8.79
CA GLU A 156 0.68 32.26 8.96
C GLU A 156 1.28 30.92 8.54
N ASP A 157 0.49 29.85 8.65
CA ASP A 157 0.95 28.52 8.25
C ASP A 157 1.21 28.43 6.74
N ILE A 158 0.52 29.26 5.96
CA ILE A 158 0.64 29.20 4.51
C ILE A 158 2.07 29.46 4.06
N THR A 159 2.64 30.56 4.52
CA THR A 159 4.00 30.94 4.17
C THR A 159 5.01 29.94 4.72
N LYS A 160 4.77 29.45 5.93
CA LYS A 160 5.63 28.47 6.55
C LYS A 160 5.67 27.19 5.71
N ALA A 161 4.47 26.69 5.36
CA ALA A 161 4.32 25.48 4.56
C ALA A 161 5.06 25.61 3.23
N TRP A 162 4.83 26.74 2.56
CA TRP A 162 5.47 27.00 1.29
C TRP A 162 7.00 27.03 1.42
N ASP A 163 7.52 27.77 2.39
CA ASP A 163 8.97 27.90 2.56
C ASP A 163 9.68 26.55 2.74
N VAL A 164 9.02 25.63 3.44
CA VAL A 164 9.61 24.32 3.66
C VAL A 164 9.61 23.49 2.37
N LEU A 165 8.46 23.42 1.71
CA LEU A 165 8.27 22.42 0.67
C LEU A 165 8.50 22.91 -0.76
N LYS A 166 8.66 24.22 -0.93
CA LYS A 166 8.69 24.83 -2.26
C LYS A 166 9.63 24.19 -3.29
N ASP A 167 10.75 23.65 -2.83
CA ASP A 167 11.74 23.14 -3.76
C ASP A 167 11.61 21.66 -4.05
N ALA A 168 10.49 21.05 -3.65
CA ALA A 168 10.25 19.64 -3.92
C ALA A 168 10.29 19.44 -5.42
N PRO A 169 11.24 18.65 -5.91
CA PRO A 169 11.48 18.51 -7.36
C PRO A 169 10.26 18.16 -8.20
N ASP A 170 9.33 17.38 -7.67
CA ASP A 170 8.19 16.95 -8.46
C ASP A 170 6.89 17.63 -8.08
N GLY A 171 7.02 18.77 -7.40
CA GLY A 171 5.90 19.63 -7.17
C GLY A 171 5.08 19.29 -5.94
N LEU A 172 3.96 19.99 -5.81
CA LEU A 172 3.17 19.99 -4.60
C LEU A 172 1.68 20.04 -4.92
N ILE A 173 0.88 19.69 -3.93
CA ILE A 173 -0.56 19.69 -4.06
C ILE A 173 -1.19 20.16 -2.76
N TYR A 174 -2.21 20.99 -2.87
CA TYR A 174 -3.02 21.41 -1.73
C TYR A 174 -4.15 20.40 -1.60
N GLU A 175 -4.41 19.91 -0.40
CA GLU A 175 -5.62 19.15 -0.16
C GLU A 175 -6.40 19.76 0.99
N ALA A 176 -7.71 19.92 0.80
CA ALA A 176 -8.57 20.38 1.88
C ALA A 176 -8.86 19.20 2.79
N PHE A 177 -9.08 19.48 4.07
CA PHE A 177 -9.43 18.43 5.03
C PHE A 177 -10.75 17.78 4.67
N VAL A 178 -10.79 16.45 4.73
CA VAL A 178 -12.01 15.71 4.46
C VAL A 178 -12.79 15.46 5.75
N ASP A 179 -14.09 15.72 5.68
CA ASP A 179 -15.02 15.36 6.74
C ASP A 179 -15.34 13.87 6.63
N PHE A 180 -14.75 13.06 7.49
CA PHE A 180 -15.04 11.62 7.49
C PHE A 180 -15.15 11.01 8.88
N ASP A 181 -15.84 9.87 8.95
CA ASP A 181 -16.10 9.16 10.20
C ASP A 181 -15.05 8.09 10.46
N TYR A 182 -14.65 7.40 9.41
CA TYR A 182 -13.63 6.36 9.53
C TYR A 182 -13.05 6.02 8.16
N GLU A 183 -12.06 5.14 8.14
CA GLU A 183 -11.37 4.82 6.90
C GLU A 183 -11.45 3.35 6.59
N VAL A 184 -11.56 3.03 5.31
CA VAL A 184 -11.54 1.65 4.88
C VAL A 184 -10.70 1.54 3.64
N SER A 185 -10.32 0.31 3.30
CA SER A 185 -9.61 0.08 2.06
C SER A 185 -10.18 -1.10 1.29
N GLN A 186 -10.16 -0.98 -0.02
CA GLN A 186 -10.56 -2.08 -0.88
C GLN A 186 -9.34 -2.66 -1.59
N ILE A 187 -8.99 -3.88 -1.19
CA ILE A 187 -7.98 -4.64 -1.89
C ILE A 187 -8.64 -5.68 -2.76
N CYS A 188 -8.10 -5.85 -3.96
CA CYS A 188 -8.62 -6.84 -4.89
C CYS A 188 -7.46 -7.27 -5.75
N THR A 189 -7.68 -8.30 -6.57
CA THR A 189 -6.63 -8.77 -7.47
C THR A 189 -7.25 -9.06 -8.81
N ALA A 190 -6.59 -8.61 -9.87
CA ALA A 190 -7.11 -8.79 -11.21
C ALA A 190 -6.18 -9.72 -11.97
N ASP A 191 -6.74 -10.73 -12.64
CA ASP A 191 -5.89 -11.69 -13.37
C ASP A 191 -5.59 -11.21 -14.79
N LEU A 192 -4.87 -12.02 -15.55
CA LEU A 192 -4.46 -11.63 -16.90
C LEU A 192 -5.64 -11.30 -17.81
N LYS A 193 -6.78 -11.93 -17.54
CA LYS A 193 -7.97 -11.73 -18.39
C LYS A 193 -8.89 -10.63 -17.88
N GLY A 194 -8.54 -10.02 -16.75
CA GLY A 194 -9.35 -8.94 -16.23
C GLY A 194 -10.35 -9.37 -15.17
N ASN A 195 -10.46 -10.67 -14.92
CA ASN A 195 -11.25 -11.16 -13.80
C ASN A 195 -10.71 -10.55 -12.51
N ILE A 196 -11.59 -10.14 -11.62
CA ILE A 196 -11.17 -9.56 -10.37
C ILE A 196 -11.61 -10.41 -9.21
N ALA A 197 -10.69 -10.68 -8.29
CA ALA A 197 -11.05 -11.33 -7.03
C ALA A 197 -11.09 -10.29 -5.90
N PHE A 198 -12.22 -10.17 -5.23
CA PHE A 198 -12.37 -9.15 -4.20
C PHE A 198 -12.18 -9.67 -2.79
N TYR A 199 -11.51 -8.87 -1.97
CA TYR A 199 -11.46 -9.14 -0.54
C TYR A 199 -12.59 -8.34 0.08
N PRO A 200 -13.02 -8.73 1.29
CA PRO A 200 -13.99 -7.84 1.93
C PRO A 200 -13.29 -6.54 2.29
N LEU A 201 -14.04 -5.47 2.51
CA LEU A 201 -13.45 -4.22 2.99
C LEU A 201 -12.70 -4.42 4.31
N ALA A 202 -11.63 -3.64 4.50
CA ALA A 202 -10.93 -3.61 5.76
C ALA A 202 -11.07 -2.22 6.34
N ARG A 203 -11.41 -2.14 7.62
CA ARG A 203 -11.46 -0.85 8.31
C ARG A 203 -10.10 -0.57 8.93
N ASN A 204 -9.50 0.56 8.56
CA ASN A 204 -8.12 0.85 8.93
C ASN A 204 -8.00 1.97 9.92
N THR A 205 -7.21 1.74 10.96
CA THR A 205 -6.97 2.74 11.99
C THR A 205 -5.56 3.27 11.83
N HIS A 206 -5.45 4.59 11.84
CA HIS A 206 -4.15 5.27 11.71
C HIS A 206 -3.77 6.00 12.98
N LYS A 207 -2.47 6.10 13.20
CA LYS A 207 -1.92 6.87 14.29
C LYS A 207 -0.72 7.61 13.73
N GLN A 208 -0.68 8.93 13.94
CA GLN A 208 0.40 9.78 13.44
C GLN A 208 0.69 9.50 11.96
N GLY A 209 -0.36 9.34 11.17
CA GLY A 209 -0.21 9.15 9.74
C GLY A 209 0.27 7.79 9.29
N ILE A 210 0.44 6.86 10.22
CA ILE A 210 0.80 5.50 9.83
C ILE A 210 -0.28 4.52 10.24
N ILE A 211 -0.54 3.56 9.38
CA ILE A 211 -1.55 2.57 9.69
C ILE A 211 -1.07 1.72 10.86
N VAL A 212 -1.91 1.55 11.88
CA VAL A 212 -1.50 0.73 13.03
C VAL A 212 -2.36 -0.52 13.24
N GLU A 213 -3.54 -0.52 12.62
CA GLU A 213 -4.49 -1.62 12.81
C GLU A 213 -5.44 -1.75 11.63
N SER A 214 -5.68 -2.99 11.21
CA SER A 214 -6.60 -3.25 10.11
C SER A 214 -7.50 -4.40 10.52
N GLU A 215 -8.80 -4.23 10.31
CA GLU A 215 -9.76 -5.24 10.73
C GLU A 215 -10.68 -5.55 9.55
N ALA A 216 -10.86 -6.83 9.28
CA ALA A 216 -11.69 -7.28 8.15
C ALA A 216 -12.44 -8.54 8.57
N PRO A 217 -13.60 -8.81 7.95
CA PRO A 217 -14.30 -7.98 6.96
C PRO A 217 -14.96 -6.78 7.62
N PHE A 218 -14.99 -5.65 6.93
CA PHE A 218 -15.85 -4.57 7.37
C PHE A 218 -17.21 -4.72 6.72
N GLU A 219 -18.21 -5.06 7.52
CA GLU A 219 -19.55 -5.35 7.01
C GLU A 219 -20.39 -4.11 6.74
N ASN A 220 -20.48 -3.74 5.46
CA ASN A 220 -21.39 -2.71 4.98
C ASN A 220 -21.59 -2.94 3.49
N VAL A 221 -22.68 -3.62 3.15
CA VAL A 221 -22.97 -4.04 1.78
C VAL A 221 -23.01 -2.86 0.79
N VAL A 222 -23.52 -1.72 1.24
CA VAL A 222 -23.60 -0.54 0.38
C VAL A 222 -22.20 -0.07 0.02
N LEU A 223 -21.40 0.22 1.05
CA LEU A 223 -20.03 0.69 0.86
C LEU A 223 -19.18 -0.29 0.05
N ALA A 224 -19.37 -1.58 0.28
CA ALA A 224 -18.59 -2.58 -0.43
C ALA A 224 -18.88 -2.53 -1.92
N GLU A 225 -20.15 -2.39 -2.26
CA GLU A 225 -20.55 -2.34 -3.65
C GLU A 225 -19.89 -1.17 -4.37
N LYS A 226 -19.92 0.00 -3.73
CA LYS A 226 -19.31 1.19 -4.33
C LYS A 226 -17.83 1.01 -4.55
N ALA A 227 -17.16 0.42 -3.55
CA ALA A 227 -15.71 0.19 -3.61
C ALA A 227 -15.36 -0.72 -4.77
N GLN A 228 -16.16 -1.76 -4.96
CA GLN A 228 -15.89 -2.71 -6.00
C GLN A 228 -16.05 -2.06 -7.37
N GLN A 229 -17.09 -1.25 -7.50
CA GLN A 229 -17.31 -0.53 -8.74
C GLN A 229 -16.16 0.44 -9.02
N ILE A 230 -15.66 1.12 -7.99
CA ILE A 230 -14.49 1.96 -8.14
C ILE A 230 -13.26 1.11 -8.53
N ALA A 231 -13.10 -0.02 -7.86
CA ALA A 231 -12.00 -0.93 -8.18
C ALA A 231 -12.04 -1.37 -9.65
N LYS A 232 -13.24 -1.68 -10.14
CA LYS A 232 -13.43 -2.16 -11.50
C LYS A 232 -12.97 -1.15 -12.54
N ILE A 233 -13.31 0.11 -12.31
CA ILE A 233 -12.91 1.19 -13.20
C ILE A 233 -11.42 1.31 -13.29
N LEU A 234 -10.75 1.27 -12.14
CA LEU A 234 -9.29 1.35 -12.13
C LEU A 234 -8.66 0.20 -12.91
N VAL A 235 -9.16 -1.01 -12.69
CA VAL A 235 -8.62 -2.21 -13.35
C VAL A 235 -8.80 -2.11 -14.86
N LYS A 236 -9.97 -1.67 -15.30
CA LYS A 236 -10.19 -1.51 -16.72
C LYS A 236 -9.29 -0.43 -17.31
N GLU A 237 -9.27 0.75 -16.69
CA GLU A 237 -8.55 1.88 -17.28
C GLU A 237 -7.04 1.69 -17.24
N PHE A 238 -6.56 1.02 -16.19
CA PHE A 238 -5.14 0.71 -16.05
C PHE A 238 -4.75 -0.56 -16.81
N ALA A 239 -5.75 -1.25 -17.39
CA ALA A 239 -5.57 -2.63 -17.86
C ALA A 239 -4.79 -3.40 -16.81
N TYR A 240 -5.29 -3.38 -15.59
CA TYR A 240 -4.51 -3.77 -14.41
C TYR A 240 -4.41 -5.29 -14.24
N VAL A 241 -3.21 -5.75 -13.88
CA VAL A 241 -3.00 -7.16 -13.53
C VAL A 241 -2.24 -7.17 -12.20
N GLY A 242 -2.77 -7.84 -11.19
CA GLY A 242 -2.11 -7.88 -9.91
C GLY A 242 -3.02 -7.45 -8.78
N THR A 243 -2.45 -7.36 -7.59
CA THR A 243 -3.21 -6.89 -6.46
C THR A 243 -3.21 -5.36 -6.47
N LEU A 244 -4.38 -4.79 -6.17
CA LEU A 244 -4.59 -3.35 -6.20
C LEU A 244 -5.17 -2.95 -4.87
N ALA A 245 -4.71 -1.83 -4.32
CA ALA A 245 -5.24 -1.34 -3.06
C ALA A 245 -5.84 0.04 -3.24
N ILE A 246 -7.05 0.22 -2.74
CA ILE A 246 -7.66 1.54 -2.72
C ILE A 246 -8.07 1.92 -1.32
N GLU A 247 -7.55 3.04 -0.84
CA GLU A 247 -7.88 3.56 0.48
C GLU A 247 -8.93 4.68 0.41
N PHE A 248 -9.96 4.59 1.26
CA PHE A 248 -11.09 5.50 1.24
C PHE A 248 -11.32 6.20 2.58
N PHE A 249 -11.86 7.42 2.51
CA PHE A 249 -12.48 8.04 3.66
C PHE A 249 -13.97 7.68 3.60
N VAL A 250 -14.57 7.47 4.75
CA VAL A 250 -15.97 7.14 4.78
C VAL A 250 -16.76 8.19 5.54
N LYS A 251 -17.82 8.68 4.91
CA LYS A 251 -18.79 9.57 5.53
C LYS A 251 -20.18 9.12 5.11
N GLY A 252 -20.92 8.56 6.06
CA GLY A 252 -22.22 7.98 5.78
C GLY A 252 -22.14 6.73 4.93
N ASP A 253 -22.81 6.76 3.79
CA ASP A 253 -22.72 5.67 2.82
C ASP A 253 -21.96 6.18 1.60
N GLU A 254 -21.27 7.31 1.77
CA GLU A 254 -20.42 7.85 0.73
C GLU A 254 -18.95 7.51 0.97
N LEU A 255 -18.29 7.03 -0.08
CA LEU A 255 -16.88 6.79 -0.12
C LEU A 255 -16.11 7.91 -0.81
N ILE A 256 -14.97 8.29 -0.26
CA ILE A 256 -14.12 9.27 -0.90
C ILE A 256 -12.74 8.66 -1.06
N VAL A 257 -12.22 8.59 -2.28
CA VAL A 257 -10.90 8.01 -2.50
C VAL A 257 -9.83 8.88 -1.84
N ASN A 258 -9.00 8.23 -1.04
CA ASN A 258 -7.85 8.90 -0.43
C ASN A 258 -6.67 8.78 -1.40
N GLU A 259 -6.21 7.55 -1.60
CA GLU A 259 -5.16 7.30 -2.58
C GLU A 259 -5.16 5.82 -2.92
N ILE A 260 -4.44 5.45 -3.97
CA ILE A 260 -4.34 4.05 -4.35
C ILE A 260 -2.87 3.63 -4.35
N ALA A 261 -2.64 2.34 -4.18
CA ALA A 261 -1.29 1.79 -4.35
C ALA A 261 -1.41 0.62 -5.30
N PRO A 262 -0.57 0.59 -6.34
CA PRO A 262 -0.67 -0.48 -7.32
C PRO A 262 0.10 -1.73 -6.89
N ARG A 263 -0.34 -2.38 -5.81
CA ARG A 263 0.45 -3.44 -5.22
C ARG A 263 -0.26 -3.99 -3.99
N VAL A 264 0.25 -5.10 -3.47
CA VAL A 264 -0.12 -5.56 -2.12
C VAL A 264 0.14 -4.42 -1.13
N HIS A 265 -0.63 -4.38 -0.06
CA HIS A 265 -0.69 -3.18 0.77
C HIS A 265 -0.85 -3.58 2.23
N ASN A 266 -0.25 -2.78 3.11
CA ASN A 266 -0.31 -2.99 4.56
C ASN A 266 -1.72 -3.32 5.05
N SER A 267 -2.73 -2.68 4.47
CA SER A 267 -4.09 -2.88 4.96
C SER A 267 -4.66 -4.24 4.52
N GLY A 268 -3.87 -5.05 3.85
CA GLY A 268 -4.31 -6.37 3.46
C GLY A 268 -3.51 -7.50 4.07
N HIS A 269 -2.58 -7.14 4.96
CA HIS A 269 -1.73 -8.15 5.60
C HIS A 269 -2.57 -9.17 6.39
N TRP A 270 -3.73 -8.75 6.89
CA TRP A 270 -4.66 -9.66 7.57
C TRP A 270 -5.03 -10.90 6.73
N SER A 271 -5.01 -10.77 5.40
CA SER A 271 -5.46 -11.87 4.54
C SER A 271 -4.49 -13.05 4.53
N ILE A 272 -3.29 -12.85 5.03
CA ILE A 272 -2.36 -13.96 5.19
C ILE A 272 -2.97 -15.05 6.05
N ASP A 273 -3.68 -14.63 7.09
CA ASP A 273 -4.24 -15.53 8.06
C ASP A 273 -5.77 -15.45 8.14
N GLY A 274 -6.38 -14.60 7.32
CA GLY A 274 -7.83 -14.44 7.38
C GLY A 274 -8.58 -14.79 6.10
N ALA A 275 -7.85 -15.12 5.04
CA ALA A 275 -8.49 -15.43 3.75
C ALA A 275 -7.96 -16.77 3.21
N VAL A 276 -8.77 -17.47 2.42
CA VAL A 276 -8.35 -18.74 1.81
C VAL A 276 -7.13 -18.52 0.92
N THR A 277 -7.10 -17.37 0.25
CA THR A 277 -5.92 -16.99 -0.55
C THR A 277 -5.57 -15.55 -0.23
N SER A 278 -4.33 -15.30 0.20
CA SER A 278 -3.90 -13.97 0.62
C SER A 278 -3.66 -13.02 -0.56
N GLN A 279 -3.59 -11.72 -0.25
CA GLN A 279 -3.25 -10.71 -1.24
C GLN A 279 -1.92 -11.01 -1.91
N PHE A 280 -1.03 -11.68 -1.18
CA PHE A 280 0.29 -12.00 -1.71
C PHE A 280 0.23 -13.17 -2.68
N GLU A 281 -0.44 -14.24 -2.27
CA GLU A 281 -0.56 -15.41 -3.16
C GLU A 281 -1.33 -15.01 -4.40
N ASN A 282 -2.37 -14.20 -4.23
CA ASN A 282 -3.17 -13.80 -5.37
C ASN A 282 -2.47 -12.83 -6.33
N HIS A 283 -1.66 -11.90 -5.81
CA HIS A 283 -0.79 -11.10 -6.68
C HIS A 283 0.12 -11.98 -7.54
N VAL A 284 0.75 -12.98 -6.92
CA VAL A 284 1.64 -13.89 -7.61
C VAL A 284 0.89 -14.69 -8.65
N ARG A 285 -0.27 -15.22 -8.26
CA ARG A 285 -1.09 -15.94 -9.23
C ARG A 285 -1.47 -15.07 -10.42
N ALA A 286 -1.95 -13.86 -10.15
CA ALA A 286 -2.29 -12.91 -11.21
C ALA A 286 -1.15 -12.72 -12.22
N ILE A 287 0.02 -12.30 -11.74
CA ILE A 287 1.14 -12.00 -12.63
C ILE A 287 1.73 -13.23 -13.30
N ALA A 288 1.54 -14.40 -12.69
CA ALA A 288 2.01 -15.66 -13.27
C ALA A 288 1.04 -16.23 -14.30
N GLY A 289 -0.06 -15.53 -14.58
CA GLY A 289 -1.02 -16.00 -15.57
C GLY A 289 -1.93 -17.13 -15.10
N LEU A 290 -2.07 -17.27 -13.79
CA LEU A 290 -2.88 -18.34 -13.20
C LEU A 290 -4.27 -17.83 -12.77
N ILE A 291 -5.25 -18.74 -12.71
CA ILE A 291 -6.54 -18.41 -12.10
C ILE A 291 -6.37 -18.08 -10.62
N LEU A 292 -7.07 -17.04 -10.16
CA LEU A 292 -6.89 -16.55 -8.80
C LEU A 292 -7.53 -17.49 -7.78
N GLY A 293 -6.98 -17.51 -6.57
CA GLY A 293 -7.51 -18.31 -5.49
C GLY A 293 -8.74 -17.70 -4.78
N ASP A 294 -9.63 -18.57 -4.32
CA ASP A 294 -10.78 -18.17 -3.52
C ASP A 294 -10.40 -17.25 -2.37
N THR A 295 -11.18 -16.20 -2.16
CA THR A 295 -10.86 -15.20 -1.15
C THR A 295 -11.86 -15.18 0.00
N THR A 296 -12.47 -16.33 0.28
CA THR A 296 -13.40 -16.44 1.39
C THR A 296 -12.65 -16.05 2.65
N SER A 297 -13.27 -15.25 3.51
CA SER A 297 -12.53 -14.67 4.62
C SER A 297 -13.23 -14.87 5.96
N ARG A 298 -12.47 -14.69 7.05
CA ARG A 298 -13.00 -14.79 8.39
C ARG A 298 -12.50 -13.58 9.18
N LYS A 299 -13.26 -13.17 10.20
CA LYS A 299 -12.94 -11.97 10.95
C LYS A 299 -11.52 -12.04 11.50
N THR A 300 -10.73 -11.01 11.19
CA THR A 300 -9.32 -11.00 11.50
C THR A 300 -8.87 -9.57 11.82
N VAL A 301 -8.02 -9.42 12.81
CA VAL A 301 -7.42 -8.12 13.06
C VAL A 301 -5.93 -8.20 12.78
N MSE A 302 -5.42 -7.19 12.10
CA MSE A 302 -3.98 -7.07 11.90
C MSE A 302 -3.45 -5.88 12.68
O MSE A 302 -4.00 -4.80 12.62
CB MSE A 302 -3.67 -6.83 10.43
CG MSE A 302 -2.20 -6.81 10.20
SE MSE A 302 -1.45 -5.12 9.62
CE MSE A 302 -2.63 -3.72 10.23
N LEU A 303 -2.37 -6.10 13.42
CA LEU A 303 -1.76 -5.03 14.18
C LEU A 303 -0.35 -4.85 13.69
N ASN A 304 0.00 -3.60 13.36
CA ASN A 304 1.33 -3.25 12.87
C ASN A 304 2.33 -3.11 13.99
N CYS A 305 3.56 -3.56 13.74
CA CYS A 305 4.65 -3.33 14.70
C CYS A 305 5.58 -2.31 14.10
N ILE A 306 5.54 -1.12 14.66
CA ILE A 306 6.27 0.03 14.13
C ILE A 306 7.35 0.47 15.09
N GLY A 307 8.56 0.63 14.58
CA GLY A 307 9.68 1.07 15.41
C GLY A 307 10.27 -0.03 16.27
N GLY A 308 9.44 -1.01 16.62
CA GLY A 308 9.86 -2.10 17.47
C GLY A 308 8.82 -3.22 17.43
N MSE A 309 9.16 -4.34 18.04
CA MSE A 309 8.28 -5.49 18.02
C MSE A 309 8.44 -6.19 19.34
O MSE A 309 9.55 -6.27 19.87
CB MSE A 309 8.69 -6.40 16.87
CG MSE A 309 7.76 -7.56 16.64
SE MSE A 309 7.97 -8.30 14.87
CE MSE A 309 6.42 -9.48 14.93
N PRO A 310 7.33 -6.69 19.91
CA PRO A 310 7.44 -7.42 21.18
C PRO A 310 8.30 -8.69 20.99
N ALA A 311 8.90 -9.15 22.08
CA ALA A 311 9.71 -10.36 22.06
C ALA A 311 8.90 -11.52 21.53
N THR A 312 9.50 -12.31 20.66
CA THR A 312 8.80 -13.45 20.08
C THR A 312 8.28 -14.37 21.17
N LYS A 313 9.06 -14.50 22.24
CA LYS A 313 8.66 -15.33 23.37
C LYS A 313 7.36 -14.83 23.99
N ASP A 314 7.17 -13.51 24.04
CA ASP A 314 5.97 -12.97 24.63
C ASP A 314 4.83 -13.14 23.64
N LEU A 315 5.12 -12.95 22.36
CA LEU A 315 4.10 -13.10 21.35
C LEU A 315 3.61 -14.54 21.28
N ALA A 316 4.55 -15.48 21.33
CA ALA A 316 4.24 -16.90 21.23
C ALA A 316 3.33 -17.40 22.36
N ALA A 317 3.36 -16.70 23.49
CA ALA A 317 2.54 -17.07 24.65
C ALA A 317 1.04 -16.84 24.38
N LEU A 318 0.75 -15.98 23.42
CA LEU A 318 -0.61 -15.73 22.96
C LEU A 318 -0.83 -16.66 21.79
N ASP A 319 -1.16 -17.90 22.10
CA ASP A 319 -0.95 -18.98 21.14
C ASP A 319 -1.82 -18.96 19.90
N ARG A 320 -2.82 -18.09 19.87
CA ARG A 320 -3.63 -17.91 18.66
C ARG A 320 -3.12 -16.78 17.73
N VAL A 321 -2.22 -15.95 18.24
CA VAL A 321 -1.70 -14.84 17.43
C VAL A 321 -0.78 -15.41 16.35
N LYS A 322 -0.95 -14.93 15.13
CA LYS A 322 -0.08 -15.34 14.03
C LYS A 322 1.02 -14.30 13.82
N ILE A 323 2.27 -14.73 13.96
CA ILE A 323 3.40 -13.82 14.03
C ILE A 323 4.01 -13.56 12.64
N HIS A 324 4.24 -12.30 12.33
CA HIS A 324 4.84 -11.93 11.05
C HIS A 324 5.97 -10.93 11.18
N SER A 325 7.08 -11.41 11.72
CA SER A 325 8.29 -10.60 11.82
C SER A 325 8.94 -10.54 10.46
N TYR A 326 9.41 -9.37 10.07
CA TYR A 326 10.06 -9.22 8.78
C TYR A 326 11.57 -9.37 8.94
N ASN A 327 11.99 -9.73 10.15
CA ASN A 327 13.39 -9.89 10.51
C ASN A 327 14.17 -8.62 10.19
N LYS A 328 13.58 -7.49 10.53
CA LYS A 328 14.17 -6.20 10.20
C LYS A 328 14.82 -5.55 11.40
N GLU A 329 15.56 -4.50 11.12
CA GLU A 329 16.29 -3.78 12.15
C GLU A 329 15.40 -2.74 12.80
N PRO A 330 15.18 -2.87 14.13
CA PRO A 330 14.35 -1.92 14.88
C PRO A 330 14.86 -0.48 14.76
N ARG A 331 13.93 0.43 14.50
CA ARG A 331 14.25 1.81 14.20
C ARG A 331 12.96 2.60 14.22
N LYS A 332 12.98 3.77 14.85
CA LYS A 332 11.77 4.60 14.98
C LYS A 332 11.03 4.80 13.67
N GLY A 333 9.73 4.53 13.67
CA GLY A 333 8.90 4.69 12.50
C GLY A 333 8.99 3.55 11.49
N ARG A 334 9.88 2.60 11.73
CA ARG A 334 10.07 1.50 10.77
C ARG A 334 9.07 0.36 11.00
N LYS A 335 8.40 -0.05 9.93
CA LYS A 335 7.53 -1.23 9.97
C LYS A 335 8.37 -2.51 10.01
N VAL A 336 8.47 -3.12 11.19
CA VAL A 336 9.34 -4.28 11.37
C VAL A 336 8.58 -5.63 11.41
N GLY A 337 7.25 -5.56 11.34
CA GLY A 337 6.45 -6.76 11.37
C GLY A 337 5.01 -6.40 11.64
N HIS A 338 4.16 -7.43 11.70
CA HIS A 338 2.77 -7.26 12.05
C HIS A 338 2.27 -8.54 12.69
N LEU A 339 1.09 -8.47 13.30
CA LEU A 339 0.49 -9.62 13.94
C LEU A 339 -0.94 -9.76 13.41
N ASN A 340 -1.32 -11.00 13.12
CA ASN A 340 -2.69 -11.32 12.73
C ASN A 340 -3.36 -12.18 13.81
N LEU A 341 -4.64 -11.95 14.02
CA LEU A 341 -5.41 -12.74 14.96
C LEU A 341 -6.81 -12.93 14.38
N ASN A 342 -7.25 -14.18 14.22
CA ASN A 342 -8.66 -14.40 13.89
C ASN A 342 -9.50 -14.04 15.11
N LEU A 343 -10.64 -13.40 14.92
CA LEU A 343 -11.53 -13.10 16.04
C LEU A 343 -12.85 -13.89 15.95
N ASN A 344 -12.97 -14.93 16.78
CA ASN A 344 -14.16 -15.77 16.81
C ASN A 344 -14.85 -15.72 18.17
N ASP A 345 -14.08 -15.77 19.25
CA ASP A 345 -14.63 -15.82 20.60
C ASP A 345 -13.97 -14.89 21.60
N GLU A 346 -14.43 -14.96 22.86
CA GLU A 346 -13.94 -14.12 23.95
C GLU A 346 -12.47 -14.37 24.24
N THR A 347 -12.03 -15.62 24.09
CA THR A 347 -10.62 -15.95 24.29
C THR A 347 -9.73 -15.17 23.31
N ASP A 348 -10.28 -14.83 22.15
CA ASP A 348 -9.54 -14.05 21.16
C ASP A 348 -9.43 -12.59 21.59
N GLU A 349 -10.53 -12.03 22.07
CA GLU A 349 -10.51 -10.68 22.63
C GLU A 349 -9.49 -10.54 23.75
N TYR A 350 -9.39 -11.58 24.59
CA TYR A 350 -8.40 -11.61 25.66
C TYR A 350 -6.98 -11.46 25.10
N GLN A 351 -6.63 -12.31 24.15
CA GLN A 351 -5.30 -12.27 23.56
C GLN A 351 -5.08 -10.94 22.85
N LEU A 352 -6.12 -10.42 22.21
CA LEU A 352 -6.02 -9.18 21.47
C LEU A 352 -5.61 -8.03 22.36
N LEU A 353 -6.29 -7.87 23.51
CA LEU A 353 -5.95 -6.81 24.45
C LEU A 353 -4.53 -7.01 24.90
N GLN A 354 -4.16 -8.27 25.12
CA GLN A 354 -2.81 -8.58 25.54
C GLN A 354 -1.78 -8.24 24.45
N VAL A 355 -2.14 -8.49 23.18
CA VAL A 355 -1.24 -8.11 22.08
C VAL A 355 -1.01 -6.61 22.07
N LYS A 356 -2.10 -5.85 22.14
CA LYS A 356 -2.02 -4.39 22.10
C LYS A 356 -1.14 -3.88 23.24
N LYS A 357 -1.26 -4.50 24.43
CA LYS A 357 -0.41 -4.12 25.54
C LYS A 357 1.06 -4.33 25.24
N LEU A 358 1.38 -5.47 24.63
CA LEU A 358 2.75 -5.77 24.24
C LEU A 358 3.24 -4.77 23.20
N ILE A 359 2.42 -4.52 22.19
CA ILE A 359 2.78 -3.54 21.17
C ILE A 359 3.04 -2.16 21.77
N ALA A 360 2.20 -1.74 22.71
CA ALA A 360 2.38 -0.44 23.34
C ALA A 360 3.75 -0.30 24.00
N LEU A 361 4.28 -1.41 24.50
CA LEU A 361 5.58 -1.38 25.17
C LEU A 361 6.75 -1.35 24.18
N SER A 362 6.55 -1.91 22.99
CA SER A 362 7.64 -2.04 22.01
C SER A 362 7.61 -0.98 20.91
N GLU A 363 6.44 -0.39 20.71
CA GLU A 363 6.20 0.50 19.58
C GLU A 363 6.97 1.82 19.65
N GLU A 364 7.54 2.23 18.52
CA GLU A 364 8.15 3.55 18.41
C GLU A 364 7.75 4.25 17.10
N ILE A 365 6.70 5.06 17.16
CA ILE A 365 6.23 5.80 15.97
C ILE A 365 6.81 7.20 15.89
N ALA A 366 7.13 7.63 14.68
CA ALA A 366 7.58 9.00 14.44
C ALA A 366 6.44 9.89 13.93
P AMP B . -0.95 10.21 3.08
O1P AMP B . -1.95 9.40 2.28
O2P AMP B . -0.97 11.68 2.74
O3P AMP B . 0.44 9.60 3.18
O5' AMP B . -1.60 10.19 4.55
C5' AMP B . -2.58 9.22 4.89
C4' AMP B . -3.46 9.67 6.03
O4' AMP B . -3.44 11.12 6.15
C3' AMP B . -4.93 9.32 5.88
O3' AMP B . -5.21 8.00 6.32
C2' AMP B . -5.65 10.40 6.70
O2' AMP B . -5.73 10.03 8.08
C1' AMP B . -4.71 11.60 6.55
N9 AMP B . -5.17 12.54 5.52
C8 AMP B . -4.57 12.73 4.34
N7 AMP B . -5.22 13.67 3.60
C5 AMP B . -6.27 14.08 4.32
C6 AMP B . -7.38 15.05 4.12
N6 AMP B . -7.46 15.76 2.97
N1 AMP B . -8.28 15.19 5.12
C2 AMP B . -8.19 14.49 6.26
N3 AMP B . -7.22 13.59 6.51
C4 AMP B . -6.25 13.34 5.60
P PO4 C . 0.65 5.93 3.05
O1 PO4 C . 1.72 6.24 2.04
O2 PO4 C . -0.21 4.77 2.59
O3 PO4 C . 1.32 5.61 4.38
O4 PO4 C . -0.26 7.11 3.25
C1 GOL D . -2.69 -19.72 2.22
O1 GOL D . -1.66 -20.02 1.32
C2 GOL D . -2.45 -18.31 2.75
O2 GOL D . -3.67 -17.74 3.17
C3 GOL D . -1.81 -17.52 1.62
O3 GOL D . -2.63 -17.55 0.47
C1 PEG E . -15.16 -5.69 16.98
O1 PEG E . -15.48 -5.71 15.64
C2 PEG E . -13.99 -6.59 17.22
O2 PEG E . -13.12 -6.04 18.15
C3 PEG E . -11.85 -5.68 17.75
C4 PEG E . -11.70 -4.19 17.90
O4 PEG E . -12.80 -3.56 17.31
#